data_2W2J
#
_entry.id   2W2J
#
_cell.length_a   44.267
_cell.length_b   73.854
_cell.length_c   87.908
_cell.angle_alpha   90.00
_cell.angle_beta   90.00
_cell.angle_gamma   90.00
#
_symmetry.space_group_name_H-M   'P 21 21 21'
#
loop_
_entity.id
_entity.type
_entity.pdbx_description
1 polymer 'CARBONIC ANHYDRASE-RELATED PROTEIN'
2 non-polymer 'CHLORIDE ION'
3 non-polymer GLYCEROL
4 non-polymer 'UNKNOWN ATOM OR ION'
5 water water
#
_entity_poly.entity_id   1
_entity_poly.type   'polypeptide(L)'
_entity_poly.pdbx_seq_one_letter_code
;SMADLSFIEDTVAFPEKEEDEEEEEEGVEWGYEEGVEWGLVFPDANGEYQSPINLNSREARYDPSLLDVRLSPNYVVCRD
CEVTNDGHTIQVILKSKSVLSGGPLPQGHEFELYEVRFHWGRENQRGSEHTVNFKAFPMELHLIHWNSTLFGSIDEAVGK
PHGIAIIALFVQIGKEHVGLKAVTEILQDIQYKGKSKTIPCFNPNTLLPDPLLRDYWVYEGSLTIPPCSEGVTWILFRYP
LTISQLQIEEFRRLRTHVKGAELVEGCDGILGDNFRPTQPLSDRVIRAAFQ
;
_entity_poly.pdbx_strand_id   A
#
loop_
_chem_comp.id
_chem_comp.type
_chem_comp.name
_chem_comp.formula
CL non-polymer 'CHLORIDE ION' 'Cl -1'
GOL non-polymer GLYCEROL 'C3 H8 O3'
UNX non-polymer 'UNKNOWN ATOM OR ION' ?
#
# COMPACT_ATOMS: atom_id res chain seq x y z
N GLU A 24 -12.68 -16.94 7.56
CA GLU A 24 -11.54 -16.64 8.42
C GLU A 24 -11.28 -17.78 9.40
N GLU A 25 -12.06 -17.83 10.47
CA GLU A 25 -11.97 -18.92 11.44
C GLU A 25 -12.57 -20.20 10.86
N GLU A 26 -13.22 -20.06 9.71
CA GLU A 26 -13.85 -21.18 9.04
C GLU A 26 -12.95 -21.76 7.95
N GLY A 27 -11.65 -21.50 8.07
CA GLY A 27 -10.67 -22.10 7.18
C GLY A 27 -10.42 -21.34 5.89
N VAL A 28 -10.98 -20.14 5.79
CA VAL A 28 -10.78 -19.35 4.58
C VAL A 28 -9.42 -18.68 4.57
N GLU A 29 -8.54 -19.18 3.72
CA GLU A 29 -7.28 -18.52 3.47
C GLU A 29 -7.42 -17.86 2.11
N TRP A 30 -6.88 -16.66 1.97
CA TRP A 30 -6.82 -16.03 0.66
C TRP A 30 -5.38 -15.73 0.33
N GLY A 31 -5.10 -15.61 -0.96
CA GLY A 31 -3.75 -15.35 -1.42
C GLY A 31 -3.70 -14.97 -2.88
N TYR A 32 -2.53 -15.13 -3.48
CA TYR A 32 -2.29 -14.62 -4.83
C TYR A 32 -1.99 -15.76 -5.81
N GLU A 33 -2.00 -16.98 -5.29
CA GLU A 33 -1.74 -18.15 -6.14
C GLU A 33 -3.03 -18.92 -6.39
N GLU A 34 -3.14 -20.14 -5.91
CA GLU A 34 -4.39 -20.86 -6.04
C GLU A 34 -5.29 -20.58 -4.85
N GLY A 35 -6.60 -20.68 -5.04
CA GLY A 35 -7.56 -20.39 -3.99
C GLY A 35 -8.90 -19.95 -4.57
N VAL A 36 -9.90 -19.82 -3.72
CA VAL A 36 -11.22 -19.37 -4.17
C VAL A 36 -11.12 -17.94 -4.71
N GLU A 37 -11.89 -17.63 -5.75
CA GLU A 37 -12.02 -16.26 -6.23
C GLU A 37 -12.45 -15.40 -5.05
N TRP A 38 -11.83 -14.24 -4.87
CA TRP A 38 -12.09 -13.46 -3.66
C TRP A 38 -13.57 -13.08 -3.54
N GLY A 39 -14.20 -12.77 -4.67
CA GLY A 39 -15.60 -12.36 -4.69
C GLY A 39 -16.59 -13.40 -4.17
N LEU A 40 -16.18 -14.66 -4.12
CA LEU A 40 -17.04 -15.73 -3.62
C LEU A 40 -17.14 -15.71 -2.09
N VAL A 41 -16.17 -15.06 -1.45
CA VAL A 41 -16.10 -15.07 0.01
C VAL A 41 -16.10 -13.66 0.60
N PHE A 42 -15.67 -12.69 -0.19
CA PHE A 42 -15.62 -11.29 0.22
C PHE A 42 -16.51 -10.49 -0.72
N PRO A 43 -17.78 -10.31 -0.33
CA PRO A 43 -18.80 -9.70 -1.20
C PRO A 43 -18.42 -8.34 -1.77
N ASP A 44 -17.70 -7.52 -1.00
CA ASP A 44 -17.31 -6.19 -1.47
C ASP A 44 -16.38 -6.28 -2.69
N ALA A 45 -15.72 -7.41 -2.88
CA ALA A 45 -14.79 -7.59 -4.00
C ALA A 45 -15.53 -7.56 -5.34
N ASN A 46 -16.85 -7.74 -5.28
CA ASN A 46 -17.72 -7.71 -6.45
C ASN A 46 -18.27 -6.33 -6.78
N GLY A 47 -17.75 -5.31 -6.11
CA GLY A 47 -18.18 -3.95 -6.35
C GLY A 47 -17.76 -3.40 -7.70
N GLU A 48 -18.29 -2.23 -8.01
CA GLU A 48 -18.08 -1.62 -9.32
C GLU A 48 -16.82 -0.76 -9.35
N TYR A 49 -16.33 -0.40 -8.17
CA TYR A 49 -15.27 0.59 -8.08
C TYR A 49 -14.07 0.04 -7.29
N GLN A 50 -13.45 -0.96 -7.89
CA GLN A 50 -12.37 -1.66 -7.23
C GLN A 50 -10.98 -1.14 -7.60
N SER A 51 -9.97 -1.56 -6.82
CA SER A 51 -8.58 -1.17 -7.03
C SER A 51 -7.74 -2.45 -7.01
N PRO A 52 -6.57 -2.44 -7.65
CA PRO A 52 -5.95 -1.30 -8.33
C PRO A 52 -6.46 -1.14 -9.75
N ILE A 53 -5.91 -0.17 -10.46
CA ILE A 53 -6.29 0.10 -11.84
C ILE A 53 -5.05 0.43 -12.63
N ASN A 54 -5.17 0.40 -13.95
CA ASN A 54 -4.21 1.08 -14.79
C ASN A 54 -4.57 2.55 -14.87
N LEU A 55 -3.56 3.39 -14.67
CA LEU A 55 -3.73 4.82 -14.77
C LEU A 55 -3.17 5.29 -16.11
N ASN A 56 -4.07 5.72 -16.97
N ASN A 56 -4.04 5.67 -17.04
CA ASN A 56 -3.71 6.29 -18.26
CA ASN A 56 -3.54 6.21 -18.29
C ASN A 56 -3.48 7.77 -18.02
C ASN A 56 -3.46 7.73 -18.15
N SER A 57 -2.23 8.22 -18.12
CA SER A 57 -1.93 9.58 -17.73
C SER A 57 -2.63 10.61 -18.60
N ARG A 58 -2.86 10.27 -19.86
CA ARG A 58 -3.52 11.19 -20.80
C ARG A 58 -5.00 11.35 -20.53
N GLU A 59 -5.61 10.37 -19.86
CA GLU A 59 -7.03 10.43 -19.53
C GLU A 59 -7.27 11.14 -18.20
N ALA A 60 -6.21 11.39 -17.43
CA ALA A 60 -6.36 12.10 -16.16
C ALA A 60 -6.79 13.54 -16.39
N ARG A 61 -7.71 14.03 -15.57
CA ARG A 61 -8.24 15.36 -15.77
C ARG A 61 -7.64 16.27 -14.71
N TYR A 62 -6.97 17.34 -15.14
CA TYR A 62 -6.49 18.34 -14.20
C TYR A 62 -7.65 18.98 -13.42
N ASP A 63 -7.56 18.95 -12.09
CA ASP A 63 -8.51 19.62 -11.21
C ASP A 63 -7.83 20.70 -10.37
N PRO A 64 -8.01 21.97 -10.76
CA PRO A 64 -7.30 23.06 -10.08
C PRO A 64 -7.67 23.10 -8.61
N SER A 65 -8.82 22.54 -8.24
CA SER A 65 -9.25 22.60 -6.85
C SER A 65 -8.40 21.74 -5.91
N LEU A 66 -7.62 20.80 -6.46
CA LEU A 66 -6.70 20.01 -5.64
C LEU A 66 -5.56 20.82 -5.03
N LEU A 67 -5.43 22.06 -5.49
CA LEU A 67 -4.38 22.95 -5.04
C LEU A 67 -4.91 23.99 -4.07
N ASP A 68 -6.24 24.01 -3.86
CA ASP A 68 -6.87 24.98 -2.94
C ASP A 68 -6.19 24.91 -1.57
N VAL A 69 -5.99 23.68 -1.11
CA VAL A 69 -5.15 23.41 0.05
C VAL A 69 -4.18 22.33 -0.40
N ARG A 70 -2.90 22.67 -0.44
N ARG A 70 -2.89 22.67 -0.43
CA ARG A 70 -1.88 21.71 -0.90
CA ARG A 70 -1.87 21.72 -0.87
C ARG A 70 -1.89 20.46 -0.05
C ARG A 70 -1.93 20.44 -0.04
N LEU A 71 -1.77 19.31 -0.70
CA LEU A 71 -1.70 18.04 -0.01
C LEU A 71 -0.57 18.16 1.02
N SER A 72 -0.87 17.81 2.26
CA SER A 72 0.07 18.09 3.34
C SER A 72 0.33 16.87 4.20
N PRO A 73 1.37 16.10 3.86
CA PRO A 73 1.81 14.99 4.69
C PRO A 73 2.67 15.55 5.81
N ASN A 74 2.19 15.46 7.04
CA ASN A 74 2.91 15.95 8.19
C ASN A 74 3.36 14.73 8.99
N TYR A 75 4.49 14.17 8.58
CA TYR A 75 4.95 12.90 9.11
C TYR A 75 6.07 13.10 10.11
N VAL A 76 6.12 12.21 11.10
CA VAL A 76 7.16 12.29 12.12
C VAL A 76 7.74 10.92 12.36
N VAL A 77 8.92 10.88 12.97
CA VAL A 77 9.55 9.61 13.28
C VAL A 77 8.66 8.81 14.23
N CYS A 78 8.61 7.50 14.01
CA CYS A 78 7.87 6.60 14.90
C CYS A 78 8.83 5.73 15.69
N ARG A 79 8.66 5.71 17.02
CA ARG A 79 9.52 4.93 17.90
C ARG A 79 8.72 3.88 18.65
N ASP A 80 7.56 3.54 18.10
CA ASP A 80 6.69 2.53 18.64
C ASP A 80 6.18 1.82 17.40
N CYS A 81 7.03 1.00 16.79
N CYS A 81 7.03 0.95 16.88
CA CYS A 81 6.64 0.38 15.52
CA CYS A 81 6.82 0.32 15.60
C CYS A 81 7.01 -1.09 15.30
C CYS A 81 6.84 -1.20 15.71
N GLU A 82 5.99 -1.85 14.93
CA GLU A 82 6.03 -3.30 14.82
C GLU A 82 5.96 -3.66 13.34
N VAL A 83 6.79 -4.63 12.90
CA VAL A 83 6.75 -5.13 11.53
C VAL A 83 6.27 -6.58 11.56
N THR A 84 5.30 -6.92 10.72
N THR A 84 5.32 -6.92 10.70
CA THR A 84 4.72 -8.27 10.75
CA THR A 84 4.70 -8.25 10.75
C THR A 84 4.65 -8.87 9.35
C THR A 84 4.59 -8.86 9.36
N ASN A 85 4.78 -10.18 9.29
CA ASN A 85 4.49 -10.92 8.07
C ASN A 85 3.16 -11.62 8.33
N ASP A 86 2.08 -11.15 7.70
CA ASP A 86 0.78 -11.77 7.91
C ASP A 86 0.46 -12.86 6.89
N GLY A 87 1.45 -13.24 6.09
CA GLY A 87 1.28 -14.26 5.06
C GLY A 87 0.86 -13.68 3.72
N HIS A 88 0.43 -12.42 3.70
CA HIS A 88 0.00 -11.73 2.49
C HIS A 88 0.82 -10.49 2.14
N THR A 89 1.43 -9.88 3.16
CA THR A 89 2.26 -8.71 2.94
C THR A 89 3.15 -8.48 4.16
N ILE A 90 4.04 -7.50 4.06
CA ILE A 90 4.75 -7.00 5.22
C ILE A 90 4.01 -5.73 5.63
N GLN A 91 3.63 -5.65 6.90
CA GLN A 91 2.99 -4.46 7.46
C GLN A 91 3.98 -3.80 8.40
N VAL A 92 4.13 -2.49 8.29
CA VAL A 92 4.85 -1.71 9.29
C VAL A 92 3.80 -0.90 10.03
N ILE A 93 3.53 -1.27 11.28
CA ILE A 93 2.41 -0.67 12.00
C ILE A 93 2.91 0.50 12.84
N LEU A 94 2.31 1.66 12.63
CA LEU A 94 2.76 2.89 13.24
C LEU A 94 1.66 3.36 14.20
N LYS A 95 1.73 4.64 14.58
N LYS A 95 1.74 4.61 14.65
CA LYS A 95 1.05 5.14 15.77
CA LYS A 95 0.91 5.04 15.78
C LYS A 95 -0.04 6.18 15.49
C LYS A 95 -0.24 5.97 15.46
N SER A 96 -0.31 6.45 14.21
CA SER A 96 -1.30 7.46 13.83
C SER A 96 -0.91 8.89 14.27
N LYS A 97 0.36 9.08 14.64
N LYS A 97 0.37 9.06 14.58
CA LYS A 97 0.83 10.42 14.99
CA LYS A 97 0.91 10.35 15.01
C LYS A 97 1.09 11.23 13.73
C LYS A 97 1.28 11.23 13.81
N SER A 98 1.62 10.57 12.71
CA SER A 98 1.78 11.24 11.43
C SER A 98 0.39 11.44 10.85
N VAL A 99 0.21 12.55 10.14
CA VAL A 99 -1.11 12.88 9.66
C VAL A 99 -1.03 13.44 8.26
N LEU A 100 -2.15 13.31 7.53
CA LEU A 100 -2.26 13.79 6.17
C LEU A 100 -3.53 14.63 6.05
N SER A 101 -3.45 15.72 5.30
CA SER A 101 -4.64 16.51 5.03
C SER A 101 -4.46 17.24 3.71
N GLY A 102 -5.51 17.90 3.23
CA GLY A 102 -5.39 18.69 2.03
C GLY A 102 -5.56 17.92 0.73
N GLY A 103 -5.18 18.53 -0.38
CA GLY A 103 -5.40 17.92 -1.69
C GLY A 103 -6.85 17.56 -1.93
N PRO A 104 -7.13 16.27 -2.18
CA PRO A 104 -8.52 15.84 -2.40
C PRO A 104 -9.31 15.62 -1.12
N LEU A 105 -8.63 15.59 0.02
CA LEU A 105 -9.31 15.25 1.26
C LEU A 105 -10.22 16.40 1.74
N PRO A 106 -11.31 16.07 2.43
CA PRO A 106 -12.27 17.09 2.88
C PRO A 106 -11.60 18.17 3.71
N GLN A 107 -12.02 19.42 3.53
CA GLN A 107 -11.38 20.53 4.22
C GLN A 107 -11.40 20.34 5.73
N GLY A 108 -10.23 20.46 6.34
CA GLY A 108 -10.07 20.37 7.78
C GLY A 108 -10.02 18.96 8.35
N HIS A 109 -10.20 17.92 7.53
CA HIS A 109 -10.18 16.55 8.06
C HIS A 109 -8.76 16.06 8.23
N GLU A 110 -8.54 15.29 9.29
CA GLU A 110 -7.21 14.80 9.61
C GLU A 110 -7.19 13.30 9.42
N PHE A 111 -6.35 12.86 8.49
CA PHE A 111 -6.19 11.45 8.21
C PHE A 111 -4.91 11.00 8.86
N GLU A 112 -5.03 10.11 9.83
CA GLU A 112 -3.84 9.62 10.56
C GLU A 112 -3.25 8.41 9.90
N LEU A 113 -1.92 8.36 9.87
CA LEU A 113 -1.20 7.28 9.21
C LEU A 113 -1.18 6.09 10.14
N TYR A 114 -1.78 4.98 9.71
CA TYR A 114 -1.85 3.79 10.54
C TYR A 114 -0.73 2.79 10.24
N GLU A 115 -0.41 2.60 8.97
CA GLU A 115 0.62 1.61 8.64
C GLU A 115 1.10 1.72 7.20
N VAL A 116 2.16 0.98 6.90
CA VAL A 116 2.69 0.85 5.55
C VAL A 116 2.59 -0.61 5.14
N ARG A 117 2.05 -0.88 3.94
CA ARG A 117 2.04 -2.24 3.41
C ARG A 117 2.83 -2.31 2.10
N PHE A 118 3.38 -3.49 1.80
CA PHE A 118 4.27 -3.67 0.65
C PHE A 118 3.76 -4.71 -0.33
N HIS A 119 3.93 -4.42 -1.62
CA HIS A 119 3.61 -5.37 -2.70
C HIS A 119 4.80 -5.41 -3.64
N TRP A 120 5.24 -6.61 -4.01
CA TRP A 120 6.42 -6.71 -4.84
C TRP A 120 6.34 -7.92 -5.76
N GLY A 121 7.25 -7.96 -6.74
CA GLY A 121 7.29 -9.05 -7.68
C GLY A 121 8.42 -10.03 -7.46
N ARG A 122 8.34 -11.14 -8.16
CA ARG A 122 9.40 -12.17 -8.16
C ARG A 122 10.49 -11.84 -9.17
N GLU A 123 10.15 -11.04 -10.17
CA GLU A 123 11.09 -10.48 -11.13
C GLU A 123 10.87 -8.98 -11.25
N ASN A 124 11.90 -8.25 -11.65
CA ASN A 124 11.88 -6.79 -11.62
C ASN A 124 10.87 -6.15 -12.56
N GLN A 125 10.34 -6.93 -13.50
CA GLN A 125 9.42 -6.40 -14.50
C GLN A 125 7.96 -6.28 -14.02
N ARG A 126 7.70 -6.74 -12.80
CA ARG A 126 6.35 -6.67 -12.22
C ARG A 126 6.43 -6.58 -10.71
N GLY A 127 5.30 -6.30 -10.07
CA GLY A 127 5.24 -6.28 -8.63
C GLY A 127 4.26 -5.25 -8.12
N SER A 128 4.17 -4.13 -8.83
CA SER A 128 3.25 -3.07 -8.39
C SER A 128 1.79 -3.48 -8.62
N GLU A 129 0.88 -2.88 -7.86
CA GLU A 129 -0.55 -3.16 -7.99
C GLU A 129 -1.13 -2.30 -9.11
N HIS A 130 -0.96 -0.99 -8.97
CA HIS A 130 -1.30 -0.07 -10.02
C HIS A 130 -0.26 -0.13 -11.13
N THR A 131 -0.69 0.18 -12.35
CA THR A 131 0.23 0.39 -13.45
C THR A 131 -0.01 1.80 -13.99
N VAL A 132 1.01 2.38 -14.60
CA VAL A 132 0.85 3.69 -15.23
C VAL A 132 1.12 3.54 -16.73
N ASN A 133 0.14 3.86 -17.56
CA ASN A 133 0.27 3.61 -19.00
C ASN A 133 0.78 2.19 -19.26
N PHE A 134 0.19 1.25 -18.53
CA PHE A 134 0.44 -0.19 -18.66
C PHE A 134 1.82 -0.64 -18.23
N LYS A 135 2.60 0.29 -17.66
CA LYS A 135 3.90 -0.07 -17.10
C LYS A 135 3.78 -0.47 -15.64
N ALA A 136 4.35 -1.64 -15.29
CA ALA A 136 4.42 -2.06 -13.89
C ALA A 136 5.79 -1.77 -13.32
N PHE A 137 5.85 -1.67 -12.00
CA PHE A 137 7.08 -1.38 -11.28
C PHE A 137 7.43 -2.54 -10.38
N PRO A 138 8.71 -2.62 -9.95
CA PRO A 138 9.15 -3.76 -9.14
C PRO A 138 8.44 -3.87 -7.78
N MET A 139 7.94 -2.75 -7.27
CA MET A 139 7.31 -2.72 -5.96
C MET A 139 6.34 -1.54 -5.89
N GLU A 140 5.33 -1.66 -5.03
CA GLU A 140 4.47 -0.53 -4.68
C GLU A 140 4.25 -0.61 -3.18
N LEU A 141 4.34 0.52 -2.50
CA LEU A 141 4.04 0.55 -1.08
C LEU A 141 2.86 1.45 -0.82
N HIS A 142 2.13 1.14 0.25
CA HIS A 142 0.90 1.85 0.54
C HIS A 142 0.95 2.44 1.92
N LEU A 143 0.72 3.74 2.00
CA LEU A 143 0.65 4.44 3.29
CA LEU A 143 0.64 4.45 3.28
C LEU A 143 -0.84 4.59 3.61
N ILE A 144 -1.29 3.84 4.60
CA ILE A 144 -2.73 3.72 4.85
C ILE A 144 -3.14 4.66 5.96
N HIS A 145 -4.06 5.59 5.65
CA HIS A 145 -4.49 6.57 6.63
C HIS A 145 -5.98 6.42 6.91
N TRP A 146 -6.43 6.84 8.09
CA TRP A 146 -7.86 6.84 8.38
C TRP A 146 -8.32 8.19 8.90
N ASN A 147 -9.59 8.51 8.64
CA ASN A 147 -10.16 9.81 8.99
C ASN A 147 -10.62 9.93 10.45
N SER A 148 -9.75 10.51 11.28
CA SER A 148 -10.03 10.71 12.71
C SER A 148 -10.99 11.86 12.98
N THR A 149 -11.30 12.63 11.95
CA THR A 149 -12.27 13.70 12.09
C THR A 149 -13.69 13.15 12.06
N LEU A 150 -13.88 12.05 11.32
CA LEU A 150 -15.21 11.47 11.18
C LEU A 150 -15.42 10.19 11.97
N PHE A 151 -14.33 9.48 12.29
CA PHE A 151 -14.44 8.13 12.84
C PHE A 151 -13.54 7.96 14.07
N GLY A 152 -13.92 7.02 14.93
CA GLY A 152 -13.22 6.80 16.17
C GLY A 152 -12.05 5.83 16.08
N SER A 153 -11.99 5.08 14.99
CA SER A 153 -10.92 4.10 14.80
C SER A 153 -10.81 3.73 13.33
N ILE A 154 -9.70 3.11 12.94
CA ILE A 154 -9.57 2.74 11.54
C ILE A 154 -10.58 1.66 11.18
N ASP A 155 -10.85 0.76 12.13
CA ASP A 155 -11.85 -0.30 11.92
C ASP A 155 -13.25 0.27 11.64
N GLU A 156 -13.60 1.35 12.31
CA GLU A 156 -14.89 1.99 12.05
C GLU A 156 -14.92 2.75 10.73
N ALA A 157 -13.75 3.13 10.25
CA ALA A 157 -13.63 3.95 9.05
C ALA A 157 -13.65 3.12 7.76
N VAL A 158 -13.27 1.84 7.85
CA VAL A 158 -13.23 0.98 6.65
C VAL A 158 -14.60 0.81 6.00
N GLY A 159 -14.66 1.01 4.69
CA GLY A 159 -15.91 0.88 3.95
C GLY A 159 -16.85 2.07 4.03
N LYS A 160 -16.43 3.13 4.73
CA LYS A 160 -17.31 4.28 4.92
C LYS A 160 -16.86 5.45 4.09
N PRO A 161 -17.80 6.33 3.71
CA PRO A 161 -17.38 7.48 2.92
C PRO A 161 -16.32 8.34 3.59
N HIS A 162 -15.25 8.63 2.85
CA HIS A 162 -14.16 9.46 3.32
C HIS A 162 -13.46 8.87 4.53
N GLY A 163 -13.53 7.56 4.71
CA GLY A 163 -12.94 6.91 5.88
C GLY A 163 -11.46 6.61 5.73
N ILE A 164 -11.05 6.16 4.55
CA ILE A 164 -9.68 5.70 4.33
C ILE A 164 -9.06 6.41 3.14
N ALA A 165 -7.81 6.85 3.30
CA ALA A 165 -7.05 7.43 2.19
C ALA A 165 -5.72 6.72 2.13
N ILE A 166 -5.32 6.28 0.94
CA ILE A 166 -4.05 5.57 0.79
C ILE A 166 -3.14 6.30 -0.18
N ILE A 167 -1.91 6.57 0.27
CA ILE A 167 -0.89 7.12 -0.62
C ILE A 167 -0.11 5.95 -1.22
N ALA A 168 -0.03 5.88 -2.55
CA ALA A 168 0.76 4.84 -3.18
C ALA A 168 2.06 5.39 -3.75
N LEU A 169 3.17 4.70 -3.46
CA LEU A 169 4.47 5.01 -4.03
C LEU A 169 4.88 3.86 -4.91
N PHE A 170 5.29 4.16 -6.13
CA PHE A 170 5.93 3.16 -6.97
C PHE A 170 7.39 3.09 -6.55
N VAL A 171 8.02 1.93 -6.72
CA VAL A 171 9.39 1.73 -6.26
C VAL A 171 10.19 1.01 -7.33
N GLN A 172 11.31 1.57 -7.74
N GLN A 172 11.34 1.59 -7.66
CA GLN A 172 12.15 0.87 -8.70
CA GLN A 172 12.25 1.10 -8.70
C GLN A 172 13.31 0.23 -7.95
C GLN A 172 13.50 0.54 -8.04
N ILE A 173 14.21 -0.36 -8.73
CA ILE A 173 15.44 -0.93 -8.17
C ILE A 173 16.60 -0.03 -8.55
N GLY A 174 17.39 0.36 -7.56
CA GLY A 174 18.52 1.25 -7.78
C GLY A 174 19.36 1.41 -6.53
N LYS A 175 19.60 2.65 -6.15
CA LYS A 175 20.34 2.90 -4.92
C LYS A 175 19.55 2.47 -3.68
N GLU A 176 20.28 2.08 -2.65
CA GLU A 176 19.72 1.69 -1.37
C GLU A 176 18.76 2.74 -0.81
N HIS A 177 17.64 2.29 -0.25
CA HIS A 177 16.78 3.18 0.53
C HIS A 177 17.14 3.07 2.01
N VAL A 178 17.76 4.11 2.55
CA VAL A 178 18.28 4.08 3.90
C VAL A 178 17.17 3.96 4.94
N GLY A 179 16.10 4.72 4.76
CA GLY A 179 14.96 4.67 5.67
C GLY A 179 14.34 3.28 5.78
N LEU A 180 14.22 2.58 4.65
CA LEU A 180 13.68 1.23 4.65
C LEU A 180 14.65 0.14 5.16
N LYS A 181 15.93 0.48 5.36
CA LYS A 181 16.87 -0.52 5.88
C LYS A 181 16.43 -0.97 7.27
N ALA A 182 15.80 -0.06 8.00
CA ALA A 182 15.24 -0.41 9.31
C ALA A 182 14.28 -1.59 9.20
N VAL A 183 13.61 -1.70 8.05
CA VAL A 183 12.69 -2.82 7.81
C VAL A 183 13.41 -4.00 7.14
N THR A 184 14.14 -3.72 6.07
CA THR A 184 14.68 -4.81 5.26
C THR A 184 15.69 -5.63 6.06
N GLU A 185 16.39 -5.02 6.99
N GLU A 185 16.39 -4.98 6.98
CA GLU A 185 17.43 -5.76 7.73
CA GLU A 185 17.41 -5.61 7.83
C GLU A 185 16.84 -6.66 8.82
C GLU A 185 16.81 -6.74 8.68
N ILE A 186 15.53 -6.60 9.01
CA ILE A 186 14.87 -7.54 9.91
C ILE A 186 13.91 -8.51 9.21
N LEU A 187 13.82 -8.43 7.88
CA LEU A 187 12.98 -9.38 7.17
C LEU A 187 13.42 -10.83 7.44
N GLN A 188 14.71 -11.05 7.68
CA GLN A 188 15.22 -12.37 8.04
C GLN A 188 14.51 -12.94 9.28
N ASP A 189 14.09 -12.05 10.17
CA ASP A 189 13.45 -12.45 11.43
C ASP A 189 11.95 -12.72 11.32
N ILE A 190 11.35 -12.37 10.18
CA ILE A 190 9.91 -12.59 10.03
C ILE A 190 9.61 -13.28 8.70
N GLN A 191 10.34 -14.37 8.41
CA GLN A 191 10.21 -15.02 7.12
C GLN A 191 8.87 -15.71 6.94
N TYR A 192 8.28 -16.20 8.04
CA TYR A 192 7.05 -16.97 7.95
C TYR A 192 5.83 -16.24 8.46
N LYS A 193 4.65 -16.67 8.02
CA LYS A 193 3.38 -16.10 8.46
C LYS A 193 3.29 -16.11 9.98
N GLY A 194 2.79 -15.01 10.55
CA GLY A 194 2.52 -14.91 11.96
C GLY A 194 3.70 -14.42 12.78
N LYS A 195 4.82 -14.13 12.12
CA LYS A 195 5.98 -13.58 12.81
C LYS A 195 5.98 -12.06 12.83
N SER A 196 6.36 -11.49 13.96
CA SER A 196 6.45 -10.04 14.13
C SER A 196 7.79 -9.63 14.73
N LYS A 197 8.18 -8.39 14.48
CA LYS A 197 9.41 -7.84 15.01
C LYS A 197 9.24 -6.37 15.39
N THR A 198 9.54 -6.02 16.62
CA THR A 198 9.59 -4.61 16.99
C THR A 198 10.89 -4.01 16.47
N ILE A 199 10.83 -2.79 15.92
CA ILE A 199 12.05 -2.06 15.55
C ILE A 199 12.09 -0.71 16.28
N PRO A 200 13.28 -0.19 16.58
CA PRO A 200 13.35 1.02 17.41
C PRO A 200 12.83 2.28 16.74
N CYS A 201 12.98 2.38 15.42
CA CYS A 201 12.81 3.66 14.74
C CYS A 201 12.41 3.47 13.29
N PHE A 202 11.34 4.14 12.86
CA PHE A 202 11.03 4.20 11.44
C PHE A 202 10.47 5.57 11.11
N ASN A 203 10.96 6.17 10.03
CA ASN A 203 10.54 7.48 9.64
C ASN A 203 9.84 7.47 8.29
N PRO A 204 8.51 7.58 8.29
CA PRO A 204 7.73 7.56 7.05
C PRO A 204 8.00 8.75 6.11
N ASN A 205 8.59 9.82 6.64
N ASN A 205 8.61 9.81 6.63
CA ASN A 205 9.02 10.93 5.79
CA ASN A 205 8.98 10.94 5.77
C ASN A 205 9.90 10.43 4.66
C ASN A 205 10.00 10.52 4.70
N THR A 206 10.71 9.42 4.95
CA THR A 206 11.66 8.88 3.96
C THR A 206 10.96 8.18 2.79
N LEU A 207 9.66 7.96 2.93
CA LEU A 207 8.86 7.29 1.89
C LEU A 207 8.20 8.28 0.93
N LEU A 208 8.33 9.57 1.23
CA LEU A 208 7.74 10.61 0.39
C LEU A 208 8.78 11.06 -0.62
N PRO A 209 8.34 11.40 -1.84
CA PRO A 209 9.25 12.08 -2.76
C PRO A 209 9.71 13.43 -2.20
N ASP A 210 10.84 13.94 -2.68
CA ASP A 210 11.28 15.30 -2.40
C ASP A 210 10.10 16.25 -2.52
N PRO A 211 10.00 17.24 -1.61
CA PRO A 211 8.88 18.19 -1.62
C PRO A 211 8.61 18.83 -2.99
N LEU A 212 9.61 18.91 -3.85
CA LEU A 212 9.44 19.52 -5.17
C LEU A 212 9.06 18.51 -6.26
N LEU A 213 8.90 17.25 -5.89
CA LEU A 213 8.56 16.18 -6.82
C LEU A 213 7.30 15.46 -6.38
N ARG A 214 6.27 16.21 -5.99
CA ARG A 214 5.08 15.58 -5.44
C ARG A 214 3.79 15.68 -6.29
N ASP A 215 3.96 15.72 -7.61
CA ASP A 215 2.84 15.51 -8.53
C ASP A 215 2.12 14.23 -8.15
N TYR A 216 0.80 14.24 -8.20
CA TYR A 216 0.04 13.03 -7.91
C TYR A 216 -1.28 12.99 -8.66
N TRP A 217 -1.83 11.78 -8.74
CA TRP A 217 -3.15 11.56 -9.33
C TRP A 217 -4.02 11.10 -8.19
N VAL A 218 -5.33 11.29 -8.33
N VAL A 218 -5.33 11.31 -8.34
CA VAL A 218 -6.25 10.81 -7.31
CA VAL A 218 -6.32 10.88 -7.37
C VAL A 218 -7.45 10.16 -7.99
C VAL A 218 -7.42 10.10 -8.08
N TYR A 219 -7.90 9.03 -7.43
CA TYR A 219 -9.15 8.41 -7.88
C TYR A 219 -9.77 7.70 -6.68
N GLU A 220 -11.04 7.33 -6.79
CA GLU A 220 -11.76 6.64 -5.72
C GLU A 220 -11.88 5.16 -6.05
N GLY A 221 -11.58 4.31 -5.07
CA GLY A 221 -11.58 2.89 -5.34
C GLY A 221 -11.78 2.08 -4.09
N SER A 222 -10.98 1.02 -3.93
CA SER A 222 -11.19 0.07 -2.85
C SER A 222 -9.87 -0.35 -2.24
N LEU A 223 -9.98 -1.12 -1.16
CA LEU A 223 -8.82 -1.83 -0.65
C LEU A 223 -8.40 -2.81 -1.74
N THR A 224 -7.11 -3.06 -1.88
CA THR A 224 -6.64 -4.03 -2.88
C THR A 224 -6.53 -5.44 -2.29
N ILE A 225 -6.84 -5.56 -1.01
CA ILE A 225 -6.91 -6.84 -0.32
C ILE A 225 -8.28 -7.02 0.31
N PRO A 226 -8.67 -8.28 0.55
CA PRO A 226 -9.92 -8.55 1.28
C PRO A 226 -9.91 -7.78 2.60
N PRO A 227 -11.06 -7.22 2.98
CA PRO A 227 -12.40 -7.41 2.38
C PRO A 227 -12.70 -6.64 1.08
N CYS A 228 -11.76 -5.85 0.57
CA CYS A 228 -11.93 -5.15 -0.71
C CYS A 228 -12.99 -4.06 -0.66
N SER A 229 -13.16 -3.47 0.50
CA SER A 229 -14.22 -2.47 0.67
C SER A 229 -13.92 -1.20 -0.11
N GLU A 230 -14.97 -0.54 -0.61
CA GLU A 230 -14.82 0.70 -1.33
C GLU A 230 -14.80 1.90 -0.39
N GLY A 231 -14.88 3.12 -0.94
CA GLY A 231 -14.76 4.31 -0.13
C GLY A 231 -13.33 4.79 0.06
N VAL A 232 -12.38 4.16 -0.63
CA VAL A 232 -10.97 4.50 -0.48
C VAL A 232 -10.54 5.60 -1.45
N THR A 233 -9.95 6.65 -0.91
CA THR A 233 -9.37 7.68 -1.74
C THR A 233 -7.91 7.35 -2.00
N TRP A 234 -7.57 7.11 -3.27
CA TRP A 234 -6.20 6.79 -3.66
C TRP A 234 -5.44 8.00 -4.15
N ILE A 235 -4.28 8.21 -3.57
CA ILE A 235 -3.37 9.27 -4.00
C ILE A 235 -2.09 8.62 -4.49
N LEU A 236 -1.86 8.68 -5.79
CA LEU A 236 -0.70 8.00 -6.36
C LEU A 236 0.33 9.02 -6.78
N PHE A 237 1.52 8.95 -6.16
CA PHE A 237 2.59 9.85 -6.53
C PHE A 237 3.19 9.44 -7.88
N ARG A 238 3.49 10.43 -8.70
CA ARG A 238 4.07 10.22 -10.02
C ARG A 238 5.56 9.81 -9.96
N TYR A 239 6.28 10.30 -8.95
CA TYR A 239 7.70 10.02 -8.81
C TYR A 239 7.98 8.83 -7.89
N PRO A 240 8.80 7.86 -8.35
CA PRO A 240 9.04 6.63 -7.59
C PRO A 240 10.16 6.75 -6.54
N LEU A 241 10.11 5.88 -5.53
CA LEU A 241 11.25 5.63 -4.66
C LEU A 241 12.17 4.61 -5.32
N THR A 242 13.34 4.37 -4.72
CA THR A 242 14.21 3.31 -5.18
C THR A 242 14.69 2.52 -3.96
N ILE A 243 14.79 1.20 -4.11
CA ILE A 243 15.47 0.34 -3.13
C ILE A 243 16.57 -0.43 -3.87
N SER A 244 17.51 -1.02 -3.12
CA SER A 244 18.57 -1.77 -3.76
C SER A 244 18.13 -3.17 -4.13
N GLN A 245 18.92 -3.84 -4.97
CA GLN A 245 18.65 -5.23 -5.32
C GLN A 245 18.66 -6.11 -4.09
N LEU A 246 19.64 -5.91 -3.20
CA LEU A 246 19.67 -6.66 -1.95
C LEU A 246 18.35 -6.51 -1.21
N GLN A 247 17.85 -5.27 -1.13
CA GLN A 247 16.61 -5.00 -0.40
C GLN A 247 15.44 -5.78 -0.99
N ILE A 248 15.28 -5.73 -2.32
CA ILE A 248 14.18 -6.50 -2.91
C ILE A 248 14.41 -8.01 -2.77
N GLU A 249 15.66 -8.45 -2.80
CA GLU A 249 15.91 -9.87 -2.59
C GLU A 249 15.45 -10.36 -1.21
N GLU A 250 15.58 -9.51 -0.20
N GLU A 250 15.52 -9.49 -0.21
CA GLU A 250 15.11 -9.89 1.12
CA GLU A 250 15.10 -9.89 1.13
C GLU A 250 13.60 -10.13 1.10
C GLU A 250 13.58 -9.98 1.28
N PHE A 251 12.87 -9.23 0.45
CA PHE A 251 11.43 -9.41 0.34
C PHE A 251 11.07 -10.70 -0.38
N ARG A 252 11.91 -11.08 -1.35
CA ARG A 252 11.61 -12.22 -2.19
C ARG A 252 11.81 -13.59 -1.51
N ARG A 253 12.31 -13.57 -0.29
N ARG A 253 12.32 -13.58 -0.28
CA ARG A 253 12.48 -14.80 0.49
CA ARG A 253 12.50 -14.80 0.49
C ARG A 253 11.27 -15.11 1.36
C ARG A 253 11.35 -15.05 1.47
N LEU A 254 10.38 -14.14 1.52
CA LEU A 254 9.27 -14.28 2.46
C LEU A 254 8.33 -15.42 2.08
N ARG A 255 7.63 -15.94 3.09
N ARG A 255 7.64 -15.95 3.09
CA ARG A 255 6.74 -17.08 2.89
CA ARG A 255 6.75 -17.08 2.90
C ARG A 255 5.31 -16.76 3.30
C ARG A 255 5.30 -16.70 3.23
N THR A 256 4.36 -17.46 2.67
CA THR A 256 2.94 -17.22 2.89
C THR A 256 2.36 -17.98 4.07
N HIS A 257 3.11 -18.95 4.58
CA HIS A 257 2.57 -19.82 5.63
C HIS A 257 3.52 -19.93 6.83
N VAL A 258 3.04 -20.54 7.91
CA VAL A 258 3.88 -20.80 9.07
C VAL A 258 4.95 -21.83 8.70
N LYS A 259 6.08 -21.78 9.39
CA LYS A 259 7.17 -22.73 9.13
C LYS A 259 6.73 -24.18 9.29
N GLY A 260 7.01 -24.99 8.27
CA GLY A 260 6.72 -26.41 8.30
C GLY A 260 5.37 -26.81 7.71
N ALA A 261 4.59 -25.82 7.30
CA ALA A 261 3.25 -26.08 6.76
C ALA A 261 3.30 -26.89 5.48
N GLU A 262 2.27 -27.72 5.28
CA GLU A 262 2.13 -28.48 4.04
C GLU A 262 1.57 -27.55 2.96
N LEU A 263 2.30 -27.43 1.86
CA LEU A 263 1.88 -26.54 0.78
C LEU A 263 0.58 -27.02 0.12
N VAL A 264 -0.29 -26.08 -0.20
CA VAL A 264 -1.53 -26.40 -0.90
C VAL A 264 -1.23 -26.70 -2.37
N GLU A 265 -2.05 -27.56 -2.98
CA GLU A 265 -1.90 -27.87 -4.39
C GLU A 265 -1.83 -26.57 -5.20
N GLY A 266 -0.86 -26.50 -6.11
CA GLY A 266 -0.73 -25.35 -6.99
C GLY A 266 0.07 -24.20 -6.41
N CYS A 267 0.43 -24.30 -5.13
CA CYS A 267 1.11 -23.19 -4.46
C CYS A 267 2.55 -23.52 -4.09
N ASP A 268 3.42 -22.52 -4.09
CA ASP A 268 4.84 -22.76 -3.82
C ASP A 268 5.31 -22.24 -2.45
N GLY A 269 4.41 -21.62 -1.70
CA GLY A 269 4.71 -21.17 -0.35
C GLY A 269 5.48 -19.87 -0.28
N ILE A 270 5.80 -19.32 -1.44
CA ILE A 270 6.59 -18.09 -1.52
C ILE A 270 5.66 -16.88 -1.57
N LEU A 271 5.93 -15.86 -0.75
CA LEU A 271 5.13 -14.62 -0.81
C LEU A 271 5.80 -13.68 -1.80
N GLY A 272 5.12 -13.40 -2.89
CA GLY A 272 5.73 -12.64 -3.96
C GLY A 272 4.71 -12.54 -5.09
N ASP A 273 4.92 -11.58 -5.99
CA ASP A 273 3.90 -11.24 -6.98
C ASP A 273 2.59 -11.09 -6.23
N ASN A 274 2.66 -10.44 -5.07
CA ASN A 274 1.48 -10.27 -4.23
C ASN A 274 0.70 -9.01 -4.58
N PHE A 275 0.30 -8.95 -5.84
CA PHE A 275 -0.51 -7.87 -6.38
C PHE A 275 -1.84 -8.40 -6.87
N ARG A 276 -2.90 -7.65 -6.62
CA ARG A 276 -4.22 -7.94 -7.19
C ARG A 276 -4.22 -7.48 -8.63
N PRO A 277 -4.84 -8.27 -9.51
CA PRO A 277 -4.96 -7.85 -10.92
C PRO A 277 -5.65 -6.48 -11.02
N THR A 278 -5.32 -5.70 -12.04
CA THR A 278 -6.00 -4.43 -12.27
C THR A 278 -7.47 -4.63 -12.58
N GLN A 279 -8.26 -3.63 -12.18
CA GLN A 279 -9.71 -3.73 -12.21
C GLN A 279 -10.28 -2.72 -13.20
N PRO A 280 -11.52 -2.96 -13.63
CA PRO A 280 -12.16 -2.08 -14.60
C PRO A 280 -12.29 -0.68 -14.07
N LEU A 281 -11.95 0.31 -14.89
CA LEU A 281 -12.08 1.70 -14.45
C LEU A 281 -13.55 2.05 -14.23
N SER A 282 -14.45 1.37 -14.93
CA SER A 282 -15.86 1.75 -14.90
C SER A 282 -15.98 3.23 -15.27
N ASP A 283 -16.89 3.97 -14.66
CA ASP A 283 -17.02 5.31 -15.20
C ASP A 283 -16.15 6.35 -14.49
N ARG A 284 -15.10 5.88 -13.80
CA ARG A 284 -14.45 6.76 -12.86
C ARG A 284 -13.63 7.86 -13.50
N VAL A 285 -13.66 9.02 -12.86
CA VAL A 285 -12.81 10.13 -13.24
C VAL A 285 -11.49 10.04 -12.48
N ILE A 286 -10.39 10.00 -13.21
CA ILE A 286 -9.06 10.09 -12.62
C ILE A 286 -8.62 11.54 -12.70
N ARG A 287 -8.25 12.12 -11.56
CA ARG A 287 -7.81 13.52 -11.53
C ARG A 287 -6.31 13.65 -11.33
N ALA A 288 -5.74 14.72 -11.89
CA ALA A 288 -4.33 15.05 -11.68
C ALA A 288 -4.23 16.36 -10.93
N ALA A 289 -3.29 16.46 -10.00
CA ALA A 289 -3.06 17.69 -9.29
C ALA A 289 -1.97 18.49 -10.01
N PHE A 290 -1.80 18.20 -11.30
CA PHE A 290 -0.79 18.89 -12.10
C PHE A 290 -1.19 18.89 -13.56
N GLN A 291 -0.63 19.84 -14.32
CA GLN A 291 -0.92 19.97 -15.75
C GLN A 291 0.15 19.32 -16.60
CL CL B . -2.26 -2.76 0.81
CL CL C . -6.58 -16.16 -6.38
CL CL D . 17.69 -17.80 6.26
C1 GOL E . 3.91 10.81 -18.22
O1 GOL E . 4.24 9.52 -18.68
C2 GOL E . 2.94 10.67 -17.07
O2 GOL E . 3.12 11.78 -16.21
C3 GOL E . 3.23 9.40 -16.29
O3 GOL E . 4.28 9.63 -15.38
C1 GOL F . 2.44 -6.00 -12.74
O1 GOL F . 2.71 -5.82 -11.37
C2 GOL F . 1.18 -6.82 -12.92
O2 GOL F . 1.18 -7.33 -14.23
C3 GOL F . -0.01 -5.89 -12.77
O3 GOL F . -1.22 -6.59 -12.95
C1 GOL G . -3.20 15.85 14.67
O1 GOL G . -2.10 16.63 14.30
C2 GOL G . -4.02 15.50 13.44
O2 GOL G . -4.18 16.64 12.63
C3 GOL G . -5.37 14.97 13.86
O3 GOL G . -5.22 13.82 14.65
C1 GOL H . 22.44 2.36 -8.47
O1 GOL H . 22.51 0.99 -8.14
C2 GOL H . 21.86 2.53 -9.88
O2 GOL H . 20.81 3.45 -9.85
C3 GOL H . 21.35 1.20 -10.43
O3 GOL H . 20.60 1.43 -11.59
C1 GOL I . -18.60 11.93 11.34
O1 GOL I . -19.06 10.64 11.66
C2 GOL I . -19.46 12.97 12.03
O2 GOL I . -20.74 12.96 11.45
C3 GOL I . -18.83 14.34 11.86
O3 GOL I . -19.19 14.86 10.61
C1 GOL J . -3.62 14.72 -16.98
O1 GOL J . -3.49 14.41 -18.35
C2 GOL J . -3.88 16.21 -16.83
O2 GOL J . -4.40 16.67 -18.05
C3 GOL J . -2.54 16.88 -16.59
O3 GOL J . -1.70 15.94 -15.94
UNK UNX K . -7.65 -2.99 10.00
UNK UNX L . -8.31 -5.88 11.19
UNK UNX M . -7.32 -1.22 7.07
#